data_5Q1V
#
_entry.id   5Q1V
#
_cell.length_a   52.220
_cell.length_b   57.126
_cell.length_c   115.159
_cell.angle_alpha   90.000
_cell.angle_beta   90.000
_cell.angle_gamma   90.000
#
_symmetry.space_group_name_H-M   'P 21 21 21'
#
loop_
_entity.id
_entity.type
_entity.pdbx_description
1 polymer 'DNA cross-link repair 1A protein'
2 non-polymer 'MALONATE ION'
3 non-polymer 'NICKEL (II) ION'
4 non-polymer 1-(4-fluorophenyl)-~{N}-[[(2~{R})-oxolan-2-yl]methyl]methanamine
5 water water
#
_entity_poly.entity_id   1
_entity_poly.type   'polypeptide(L)'
_entity_poly.pdbx_seq_one_letter_code
;KKTCPFYKKIPGTGFTVDAFQYGVVEGCTAYFLTHFHSDHYAGLSKHFTFPVYCSEITGNLLKNKLHVQEQYIHPLPLDT
ECIVNGVKVVLLDANHCPGAVMILFYLPNGTVILHTGDFRADPSMERSLLADQKVHMLYLDTTYCSPEYTFPSQQEVIRF
AINTAFEAVTLNPHALVVCGTYSIGKEKVFLAIADVLGSKVGMSQEKYKTLQCLNIPEINSLITTDMCSSLVHLLPMMQI
NFKGLQSHLKKCGGKYNQILAFRPTGWTHSNKFTRIADVIPQTKGNISIYGIPYSEHSSYLEMKRFVQWLKPQKIIPTVN
VGTWKSRSTMEKYFREWKLEAGY
;
_entity_poly.pdbx_strand_id   A
#
loop_
_chem_comp.id
_chem_comp.type
_chem_comp.name
_chem_comp.formula
AXS non-polymer 1-(4-fluorophenyl)-~{N}-[[(2~{R})-oxolan-2-yl]methyl]methanamine 'C12 H16 F N O'
MLI non-polymer 'MALONATE ION' 'C3 H2 O4 -2'
NI non-polymer 'NICKEL (II) ION' 'Ni 2'
#
# COMPACT_ATOMS: atom_id res chain seq x y z
N THR A 3 24.72 -2.74 -6.89
CA THR A 3 24.35 -3.61 -8.06
C THR A 3 22.89 -4.11 -8.06
N CYS A 4 22.19 -3.86 -9.17
CA CYS A 4 20.77 -4.18 -9.29
C CYS A 4 20.47 -5.70 -9.34
N PRO A 5 19.54 -6.21 -8.49
CA PRO A 5 19.25 -7.65 -8.49
C PRO A 5 18.43 -8.12 -9.69
N PHE A 6 18.51 -9.42 -9.98
CA PHE A 6 17.91 -9.99 -11.20
C PHE A 6 16.39 -9.81 -11.28
N TYR A 7 15.73 -9.97 -10.14
CA TYR A 7 14.27 -9.84 -10.04
C TYR A 7 13.69 -8.41 -10.22
N LYS A 8 14.55 -7.40 -10.37
CA LYS A 8 14.14 -6.03 -10.76
C LYS A 8 14.45 -5.67 -12.23
N LYS A 9 14.94 -6.64 -13.00
CA LYS A 9 15.24 -6.42 -14.41
C LYS A 9 14.18 -7.12 -15.26
N ILE A 10 13.80 -6.49 -16.37
CA ILE A 10 12.80 -7.06 -17.29
C ILE A 10 13.53 -7.56 -18.56
N PRO A 11 13.64 -8.88 -18.73
CA PRO A 11 14.47 -9.40 -19.83
C PRO A 11 13.94 -9.04 -21.21
N GLY A 12 14.83 -8.80 -22.15
CA GLY A 12 14.47 -8.43 -23.52
C GLY A 12 14.06 -6.99 -23.69
N THR A 13 14.34 -6.17 -22.68
CA THR A 13 13.99 -4.74 -22.67
C THR A 13 15.12 -3.92 -22.07
N GLY A 14 15.03 -2.61 -22.19
CA GLY A 14 15.85 -1.69 -21.42
C GLY A 14 15.17 -1.23 -20.14
N PHE A 15 14.30 -2.05 -19.55
CA PHE A 15 13.46 -1.58 -18.43
C PHE A 15 13.87 -2.14 -17.06
N THR A 16 13.84 -1.30 -16.01
CA THR A 16 13.89 -1.77 -14.63
C THR A 16 12.63 -1.35 -13.90
N VAL A 17 12.34 -2.03 -12.80
CA VAL A 17 11.19 -1.75 -11.95
C VAL A 17 11.68 -1.54 -10.51
N ASP A 18 11.32 -0.37 -9.96
CA ASP A 18 11.64 0.00 -8.57
C ASP A 18 13.14 -0.16 -8.23
N ALA A 19 13.97 0.37 -9.12
CA ALA A 19 15.43 0.18 -9.07
C ALA A 19 16.19 1.53 -9.12
N PHE A 20 15.98 2.35 -8.08
CA PHE A 20 16.56 3.70 -8.03
C PHE A 20 17.74 3.86 -7.05
N GLN A 21 18.16 2.78 -6.36
CA GLN A 21 19.21 2.87 -5.30
C GLN A 21 20.54 2.23 -5.71
N TYR A 22 20.71 2.00 -7.01
CA TYR A 22 21.85 1.26 -7.54
C TYR A 22 22.71 2.13 -8.49
N GLY A 23 22.53 3.44 -8.43
CA GLY A 23 23.15 4.34 -9.40
C GLY A 23 22.58 4.22 -10.81
N VAL A 24 23.42 4.47 -11.80
CA VAL A 24 23.04 4.36 -13.21
C VAL A 24 23.10 2.88 -13.60
N VAL A 25 21.95 2.26 -13.85
CA VAL A 25 21.92 0.82 -14.16
C VAL A 25 22.29 0.64 -15.63
N GLU A 26 23.29 -0.19 -15.92
CA GLU A 26 23.80 -0.32 -17.30
C GLU A 26 22.75 -0.96 -18.20
N GLY A 27 22.37 -0.24 -19.25
CA GLY A 27 21.38 -0.68 -20.22
C GLY A 27 19.99 -0.11 -20.01
N CYS A 28 19.75 0.57 -18.89
CA CYS A 28 18.40 1.05 -18.59
C CYS A 28 18.05 2.38 -19.28
N THR A 29 17.09 2.31 -20.21
CA THR A 29 16.55 3.49 -20.92
C THR A 29 15.28 4.09 -20.28
N ALA A 30 14.62 3.31 -19.42
CA ALA A 30 13.42 3.78 -18.71
C ALA A 30 13.30 3.06 -17.36
N TYR A 31 13.11 3.86 -16.31
CA TYR A 31 12.93 3.39 -14.94
C TYR A 31 11.43 3.50 -14.58
N PHE A 32 10.79 2.36 -14.35
CA PHE A 32 9.38 2.32 -13.86
C PHE A 32 9.36 2.36 -12.32
N LEU A 33 8.38 3.09 -11.78
CA LEU A 33 8.10 3.15 -10.33
C LEU A 33 6.65 2.71 -10.09
N THR A 34 6.45 1.59 -9.41
CA THR A 34 5.11 1.03 -9.19
C THR A 34 4.26 1.87 -8.24
N HIS A 35 4.91 2.46 -7.21
CA HIS A 35 4.17 3.21 -6.18
C HIS A 35 5.11 4.01 -5.29
N PHE A 36 4.55 5.02 -4.60
CA PHE A 36 5.34 5.92 -3.73
C PHE A 36 5.45 5.40 -2.27
N HIS A 37 6.13 4.26 -2.11
CA HIS A 37 6.60 3.78 -0.80
C HIS A 37 8.14 3.78 -0.77
N SER A 38 8.73 4.17 0.37
CA SER A 38 10.17 4.50 0.42
C SER A 38 11.13 3.35 0.03
N ASP A 39 10.79 2.11 0.39
CA ASP A 39 11.63 0.96 -0.03
C ASP A 39 11.71 0.82 -1.56
N HIS A 40 10.68 1.31 -2.27
CA HIS A 40 10.58 1.19 -3.72
C HIS A 40 11.16 2.39 -4.46
N TYR A 41 10.94 3.58 -3.92
CA TYR A 41 11.57 4.78 -4.49
C TYR A 41 12.99 5.08 -4.01
N ALA A 42 13.52 4.30 -3.05
CA ALA A 42 14.85 4.53 -2.44
C ALA A 42 15.92 4.90 -3.47
N GLY A 43 16.53 6.06 -3.29
CA GLY A 43 17.52 6.58 -4.24
C GLY A 43 17.06 7.74 -5.12
N LEU A 44 15.76 7.83 -5.41
CA LEU A 44 15.21 9.00 -6.16
C LEU A 44 15.29 10.27 -5.35
N SER A 45 15.62 11.37 -6.02
CA SER A 45 15.81 12.70 -5.41
C SER A 45 15.67 13.77 -6.51
N LYS A 46 15.78 15.04 -6.14
CA LYS A 46 15.65 16.13 -7.13
C LYS A 46 16.73 16.18 -8.23
N HIS A 47 17.83 15.46 -8.07
CA HIS A 47 18.89 15.45 -9.09
C HIS A 47 18.86 14.26 -10.05
N PHE A 48 17.75 13.51 -10.05
CA PHE A 48 17.59 12.37 -10.99
C PHE A 48 17.37 12.91 -12.41
N THR A 49 18.08 12.34 -13.38
CA THR A 49 18.07 12.82 -14.78
C THR A 49 17.75 11.77 -15.87
N PHE A 50 17.08 10.66 -15.50
CA PHE A 50 16.58 9.66 -16.46
C PHE A 50 15.04 9.64 -16.47
N PRO A 51 14.42 9.12 -17.55
CA PRO A 51 12.96 9.07 -17.61
C PRO A 51 12.35 8.12 -16.56
N VAL A 52 11.35 8.63 -15.84
CA VAL A 52 10.59 7.80 -14.87
C VAL A 52 9.15 7.62 -15.36
N TYR A 53 8.70 6.37 -15.47
CA TYR A 53 7.32 6.07 -15.89
C TYR A 53 6.51 5.57 -14.70
N CYS A 54 5.28 6.07 -14.58
CA CYS A 54 4.48 5.84 -13.36
C CYS A 54 3.04 6.31 -13.57
N SER A 55 2.17 6.13 -12.56
CA SER A 55 0.81 6.68 -12.58
C SER A 55 0.83 8.20 -12.38
N GLU A 56 -0.29 8.84 -12.69
CA GLU A 56 -0.47 10.28 -12.45
C GLU A 56 -0.26 10.61 -10.96
N ILE A 57 -0.84 9.82 -10.06
CA ILE A 57 -0.72 10.12 -8.62
C ILE A 57 0.72 9.98 -8.15
N THR A 58 1.42 8.92 -8.57
CA THR A 58 2.84 8.77 -8.21
C THR A 58 3.63 9.99 -8.74
N GLY A 59 3.29 10.42 -9.96
CA GLY A 59 3.90 11.59 -10.60
C GLY A 59 3.75 12.88 -9.79
N ASN A 60 2.53 13.09 -9.27
CA ASN A 60 2.26 14.25 -8.38
C ASN A 60 3.17 14.23 -7.14
N LEU A 61 3.35 13.06 -6.53
CA LEU A 61 4.19 12.91 -5.33
C LEU A 61 5.69 13.08 -5.64
N LEU A 62 6.15 12.53 -6.76
CA LEU A 62 7.54 12.74 -7.19
C LEU A 62 7.90 14.22 -7.35
N LYS A 63 7.00 14.96 -8.01
CA LYS A 63 7.19 16.38 -8.26
C LYS A 63 7.16 17.20 -6.97
N ASN A 64 6.11 17.01 -6.15
CA ASN A 64 5.87 17.90 -5.01
C ASN A 64 6.58 17.51 -3.71
N LYS A 65 6.77 16.21 -3.48
CA LYS A 65 7.41 15.72 -2.25
C LYS A 65 8.91 15.45 -2.40
N LEU A 66 9.33 14.84 -3.52
CA LEU A 66 10.77 14.57 -3.76
C LEU A 66 11.49 15.60 -4.64
N HIS A 67 10.71 16.50 -5.25
N HIS A 67 10.73 16.50 -5.26
CA HIS A 67 11.18 17.56 -6.18
CA HIS A 67 11.29 17.59 -6.04
C HIS A 67 11.93 17.10 -7.41
C HIS A 67 11.95 17.11 -7.36
N VAL A 68 11.52 15.94 -7.91
CA VAL A 68 12.02 15.44 -9.20
C VAL A 68 11.54 16.45 -10.27
N GLN A 69 12.40 16.81 -11.22
CA GLN A 69 12.00 17.80 -12.23
C GLN A 69 10.95 17.27 -13.17
N GLU A 70 10.07 18.17 -13.57
CA GLU A 70 8.92 17.87 -14.43
C GLU A 70 9.28 17.22 -15.77
N GLN A 71 10.42 17.58 -16.33
CA GLN A 71 10.86 17.04 -17.63
C GLN A 71 11.13 15.52 -17.65
N TYR A 72 11.43 14.94 -16.47
CA TYR A 72 11.73 13.52 -16.34
C TYR A 72 10.56 12.67 -15.85
N ILE A 73 9.43 13.30 -15.52
CA ILE A 73 8.26 12.54 -15.04
C ILE A 73 7.31 12.20 -16.19
N HIS A 74 7.10 10.89 -16.41
CA HIS A 74 6.22 10.39 -17.48
C HIS A 74 4.98 9.65 -16.93
N PRO A 75 3.89 10.39 -16.61
CA PRO A 75 2.67 9.72 -16.15
C PRO A 75 1.94 9.00 -17.28
N LEU A 76 1.39 7.81 -17.01
CA LEU A 76 0.59 7.07 -17.97
C LEU A 76 -0.79 6.81 -17.38
N PRO A 77 -1.84 6.85 -18.23
CA PRO A 77 -3.19 6.52 -17.77
C PRO A 77 -3.29 5.03 -17.48
N LEU A 78 -4.25 4.65 -16.65
CA LEU A 78 -4.50 3.23 -16.37
C LEU A 78 -5.33 2.60 -17.47
N ASP A 79 -5.27 1.27 -17.55
CA ASP A 79 -6.13 0.48 -18.42
C ASP A 79 -6.06 0.85 -19.90
N THR A 80 -4.87 1.30 -20.35
CA THR A 80 -4.67 1.88 -21.68
C THR A 80 -3.36 1.35 -22.31
N GLU A 81 -3.44 0.80 -23.51
CA GLU A 81 -2.23 0.33 -24.18
C GLU A 81 -1.39 1.56 -24.58
N CYS A 82 -0.13 1.57 -24.14
CA CYS A 82 0.83 2.67 -24.35
C CYS A 82 2.11 2.09 -24.94
N ILE A 83 2.80 2.83 -25.82
CA ILE A 83 4.12 2.41 -26.33
C ILE A 83 5.20 3.26 -25.66
N VAL A 84 6.13 2.57 -24.99
CA VAL A 84 7.28 3.15 -24.34
C VAL A 84 8.57 2.56 -24.94
N ASN A 85 9.44 3.43 -25.50
CA ASN A 85 10.70 2.98 -26.14
C ASN A 85 10.49 1.74 -27.03
N GLY A 86 9.43 1.78 -27.82
CA GLY A 86 9.10 0.74 -28.78
C GLY A 86 8.46 -0.53 -28.25
N VAL A 87 8.00 -0.52 -26.99
CA VAL A 87 7.41 -1.69 -26.33
C VAL A 87 6.01 -1.34 -25.79
N LYS A 88 5.03 -2.19 -26.08
CA LYS A 88 3.64 -2.01 -25.57
C LYS A 88 3.58 -2.35 -24.07
N VAL A 89 3.04 -1.43 -23.27
CA VAL A 89 2.84 -1.62 -21.83
C VAL A 89 1.42 -1.19 -21.43
N VAL A 90 0.94 -1.77 -20.30
CA VAL A 90 -0.33 -1.37 -19.69
C VAL A 90 -0.11 -1.25 -18.16
N LEU A 91 -0.61 -0.17 -17.56
CA LEU A 91 -0.69 -0.04 -16.09
C LEU A 91 -2.10 -0.41 -15.59
N LEU A 92 -2.13 -1.24 -14.54
CA LEU A 92 -3.37 -1.74 -13.92
C LEU A 92 -3.43 -1.35 -12.44
N ASP A 93 -4.62 -1.09 -11.91
CA ASP A 93 -4.71 -0.79 -10.48
C ASP A 93 -4.25 -2.00 -9.61
N ALA A 94 -3.38 -1.73 -8.64
CA ALA A 94 -2.82 -2.77 -7.77
C ALA A 94 -3.62 -3.02 -6.49
N ASN A 95 -4.65 -2.21 -6.21
CA ASN A 95 -5.37 -2.32 -4.92
C ASN A 95 -4.40 -2.35 -3.74
N HIS A 96 -3.43 -1.41 -3.78
CA HIS A 96 -2.43 -1.20 -2.70
C HIS A 96 -2.70 0.18 -2.07
N CYS A 97 -1.79 1.14 -2.21
CA CYS A 97 -1.97 2.53 -1.75
C CYS A 97 -2.38 3.40 -2.96
N PRO A 98 -2.76 4.66 -2.73
CA PRO A 98 -3.09 5.54 -3.87
C PRO A 98 -1.97 5.65 -4.91
N GLY A 99 -2.33 5.50 -6.19
CA GLY A 99 -1.36 5.57 -7.29
C GLY A 99 -0.58 4.29 -7.60
N ALA A 100 -0.79 3.23 -6.81
CA ALA A 100 -0.02 1.99 -7.00
C ALA A 100 -0.53 1.19 -8.19
N VAL A 101 0.42 0.71 -8.99
CA VAL A 101 0.10 -0.05 -10.22
C VAL A 101 0.82 -1.38 -10.32
N MET A 102 0.20 -2.28 -11.07
CA MET A 102 0.86 -3.43 -11.70
C MET A 102 1.19 -3.03 -13.15
N ILE A 103 2.23 -3.65 -13.71
CA ILE A 103 2.66 -3.34 -15.08
C ILE A 103 2.69 -4.59 -15.96
N LEU A 104 1.97 -4.54 -17.07
CA LEU A 104 1.99 -5.61 -18.10
C LEU A 104 2.94 -5.18 -19.21
N PHE A 105 3.91 -6.04 -19.54
CA PHE A 105 4.88 -5.76 -20.63
C PHE A 105 4.68 -6.80 -21.74
N TYR A 106 4.49 -6.31 -22.97
CA TYR A 106 4.32 -7.16 -24.15
C TYR A 106 5.64 -7.14 -24.93
N LEU A 107 6.48 -8.15 -24.71
CA LEU A 107 7.84 -8.16 -25.29
C LEU A 107 7.82 -8.34 -26.81
N PRO A 108 8.84 -7.78 -27.51
CA PRO A 108 8.89 -7.93 -28.97
C PRO A 108 8.85 -9.39 -29.44
N ASN A 109 9.45 -10.30 -28.68
CA ASN A 109 9.46 -11.73 -29.06
C ASN A 109 8.15 -12.52 -28.81
N GLY A 110 7.11 -11.89 -28.26
CA GLY A 110 5.81 -12.54 -27.98
C GLY A 110 5.58 -12.97 -26.52
N THR A 111 6.61 -12.88 -25.69
CA THR A 111 6.53 -13.14 -24.25
C THR A 111 5.68 -12.00 -23.59
N VAL A 112 4.90 -12.35 -22.57
CA VAL A 112 4.08 -11.38 -21.79
C VAL A 112 4.48 -11.54 -20.32
N ILE A 113 4.85 -10.42 -19.70
CA ILE A 113 5.27 -10.37 -18.30
C ILE A 113 4.34 -9.46 -17.49
N LEU A 114 3.90 -9.96 -16.33
CA LEU A 114 3.18 -9.13 -15.35
C LEU A 114 4.05 -8.93 -14.11
N HIS A 115 4.31 -7.66 -13.77
CA HIS A 115 4.95 -7.28 -12.51
C HIS A 115 3.87 -6.69 -11.59
N THR A 116 3.57 -7.35 -10.48
CA THR A 116 2.48 -6.90 -9.60
C THR A 116 2.82 -5.66 -8.76
N GLY A 117 4.08 -5.23 -8.70
CA GLY A 117 4.46 -4.29 -7.65
C GLY A 117 4.06 -4.86 -6.31
N ASP A 118 3.66 -3.98 -5.40
CA ASP A 118 2.92 -4.39 -4.19
C ASP A 118 1.41 -4.40 -4.57
N PHE A 119 0.67 -5.43 -4.15
CA PHE A 119 -0.78 -5.55 -4.48
C PHE A 119 -1.55 -6.31 -3.40
N ARG A 120 -2.86 -6.07 -3.33
CA ARG A 120 -3.78 -6.92 -2.60
C ARG A 120 -4.74 -7.56 -3.63
N ALA A 121 -4.45 -8.84 -3.96
CA ALA A 121 -5.21 -9.52 -4.96
C ALA A 121 -6.70 -9.49 -4.66
N ASP A 122 -7.49 -9.32 -5.73
CA ASP A 122 -8.95 -9.30 -5.58
C ASP A 122 -9.58 -9.99 -6.78
N PRO A 123 -10.76 -10.65 -6.59
CA PRO A 123 -11.44 -11.27 -7.75
C PRO A 123 -11.78 -10.31 -8.90
N SER A 124 -11.97 -9.02 -8.58
CA SER A 124 -12.19 -8.02 -9.64
C SER A 124 -11.07 -7.95 -10.69
N MET A 125 -9.84 -8.33 -10.30
CA MET A 125 -8.70 -8.37 -11.25
C MET A 125 -8.87 -9.41 -12.36
N GLU A 126 -9.71 -10.41 -12.10
CA GLU A 126 -10.00 -11.45 -13.06
C GLU A 126 -10.85 -10.89 -14.25
N ARG A 127 -11.37 -9.65 -14.12
CA ARG A 127 -12.10 -8.94 -15.21
C ARG A 127 -11.45 -7.62 -15.65
N SER A 128 -10.16 -7.50 -15.37
CA SER A 128 -9.35 -6.43 -15.92
C SER A 128 -8.92 -6.83 -17.35
N LEU A 129 -8.01 -6.02 -17.93
CA LEU A 129 -7.31 -6.39 -19.16
C LEU A 129 -6.47 -7.68 -19.06
N LEU A 130 -6.26 -8.23 -17.85
CA LEU A 130 -5.66 -9.58 -17.69
C LEU A 130 -6.49 -10.73 -18.24
N ALA A 131 -7.79 -10.54 -18.44
CA ALA A 131 -8.70 -11.66 -18.79
C ALA A 131 -8.32 -12.35 -20.10
N ASP A 132 -8.12 -11.51 -21.09
CA ASP A 132 -7.66 -11.84 -22.43
C ASP A 132 -6.61 -12.94 -22.51
N GLN A 133 -5.48 -12.77 -21.84
CA GLN A 133 -4.33 -13.43 -22.38
C GLN A 133 -3.31 -13.97 -21.42
N LYS A 134 -2.40 -14.68 -22.04
CA LYS A 134 -1.47 -15.56 -21.39
C LYS A 134 -0.36 -14.71 -20.83
N VAL A 135 0.13 -15.08 -19.65
CA VAL A 135 1.27 -14.46 -18.99
C VAL A 135 2.35 -15.53 -18.82
N HIS A 136 3.51 -15.30 -19.39
CA HIS A 136 4.62 -16.27 -19.32
C HIS A 136 5.41 -16.14 -18.03
N MET A 137 5.60 -14.91 -17.55
CA MET A 137 6.37 -14.67 -16.31
C MET A 137 5.60 -13.72 -15.38
N LEU A 138 5.50 -14.11 -14.11
CA LEU A 138 4.84 -13.32 -13.04
C LEU A 138 5.87 -12.91 -11.97
N TYR A 139 6.11 -11.61 -11.82
CA TYR A 139 6.95 -11.09 -10.76
C TYR A 139 5.99 -10.70 -9.62
N LEU A 140 5.97 -11.51 -8.57
CA LEU A 140 4.88 -11.55 -7.57
C LEU A 140 5.23 -10.99 -6.18
N ASP A 141 4.39 -10.08 -5.69
CA ASP A 141 4.42 -9.61 -4.27
C ASP A 141 4.02 -10.78 -3.36
N THR A 142 5.05 -11.41 -2.78
CA THR A 142 4.92 -12.57 -1.91
C THR A 142 5.06 -12.22 -0.40
N THR A 143 4.74 -10.97 -0.02
CA THR A 143 4.85 -10.50 1.38
C THR A 143 4.28 -11.53 2.39
N TYR A 144 3.04 -12.01 2.15
CA TYR A 144 2.36 -12.93 3.06
C TYR A 144 2.10 -14.33 2.44
N CYS A 145 3.12 -14.87 1.77
CA CYS A 145 3.02 -16.20 1.14
C CYS A 145 3.29 -17.36 2.13
N SER A 146 2.36 -17.52 3.09
CA SER A 146 2.37 -18.67 4.02
C SER A 146 0.97 -18.73 4.64
N PRO A 147 0.42 -19.94 4.88
N PRO A 147 0.40 -19.94 4.86
CA PRO A 147 -1.00 -20.03 5.25
CA PRO A 147 -0.98 -20.05 5.33
C PRO A 147 -1.38 -19.49 6.63
C PRO A 147 -1.29 -19.43 6.69
N GLU A 148 -0.40 -19.27 7.51
N GLU A 148 -0.27 -19.20 7.52
CA GLU A 148 -0.66 -18.57 8.78
CA GLU A 148 -0.45 -18.54 8.82
C GLU A 148 -1.15 -17.14 8.57
C GLU A 148 -0.90 -17.07 8.67
N TYR A 149 -0.71 -16.49 7.49
CA TYR A 149 -1.10 -15.10 7.26
C TYR A 149 -2.56 -14.97 6.83
N THR A 150 -3.41 -14.77 7.84
CA THR A 150 -4.84 -14.51 7.70
C THR A 150 -5.13 -13.11 8.30
N PHE A 151 -6.11 -12.46 7.74
CA PHE A 151 -6.67 -11.19 8.25
C PHE A 151 -8.03 -10.91 7.59
N PRO A 152 -8.86 -10.00 8.18
CA PRO A 152 -10.19 -9.74 7.59
C PRO A 152 -10.16 -8.89 6.33
N SER A 153 -11.31 -8.74 5.70
CA SER A 153 -11.45 -7.78 4.61
C SER A 153 -11.25 -6.37 5.16
N GLN A 154 -10.87 -5.46 4.26
CA GLN A 154 -10.74 -4.04 4.61
C GLN A 154 -12.11 -3.50 5.08
N GLN A 155 -13.20 -3.92 4.42
CA GLN A 155 -14.56 -3.50 4.84
C GLN A 155 -14.89 -3.88 6.27
N GLU A 156 -14.62 -5.13 6.67
CA GLU A 156 -14.86 -5.58 8.08
C GLU A 156 -14.04 -4.75 9.10
N VAL A 157 -12.79 -4.42 8.75
CA VAL A 157 -11.93 -3.65 9.65
C VAL A 157 -12.45 -2.23 9.78
N ILE A 158 -12.92 -1.66 8.68
CA ILE A 158 -13.46 -0.29 8.72
C ILE A 158 -14.78 -0.26 9.52
N ARG A 159 -15.63 -1.27 9.34
CA ARG A 159 -16.86 -1.36 10.14
C ARG A 159 -16.55 -1.34 11.65
N PHE A 160 -15.57 -2.12 12.08
CA PHE A 160 -15.12 -2.14 13.48
C PHE A 160 -14.64 -0.77 13.96
N ALA A 161 -13.81 -0.12 13.15
CA ALA A 161 -13.27 1.21 13.52
C ALA A 161 -14.36 2.27 13.65
N ILE A 162 -15.26 2.36 12.65
CA ILE A 162 -16.38 3.33 12.65
C ILE A 162 -17.23 3.12 13.92
N ASN A 163 -17.62 1.87 14.16
CA ASN A 163 -18.54 1.55 15.29
C ASN A 163 -17.88 1.85 16.64
N THR A 164 -16.60 1.50 16.78
CA THR A 164 -15.82 1.76 17.99
C THR A 164 -15.71 3.27 18.29
N ALA A 165 -15.33 4.03 17.26
CA ALA A 165 -15.19 5.46 17.40
C ALA A 165 -16.53 6.18 17.68
N PHE A 166 -17.58 5.82 16.93
CA PHE A 166 -18.90 6.43 17.12
C PHE A 166 -19.44 6.15 18.53
N GLU A 167 -19.32 4.91 18.99
CA GLU A 167 -19.74 4.60 20.39
C GLU A 167 -19.02 5.46 21.43
N ALA A 168 -17.69 5.52 21.35
CA ALA A 168 -16.87 6.19 22.37
C ALA A 168 -17.15 7.69 22.46
N VAL A 169 -17.32 8.33 21.31
CA VAL A 169 -17.53 9.78 21.26
C VAL A 169 -19.00 10.16 21.59
N THR A 170 -19.95 9.27 21.29
CA THR A 170 -21.36 9.49 21.68
C THR A 170 -21.49 9.35 23.19
N LEU A 171 -20.79 8.39 23.79
CA LEU A 171 -20.75 8.28 25.26
C LEU A 171 -20.04 9.46 25.93
N ASN A 172 -18.91 9.89 25.34
CA ASN A 172 -18.13 11.02 25.85
C ASN A 172 -17.81 12.04 24.75
N PRO A 173 -18.66 13.08 24.59
CA PRO A 173 -18.41 14.11 23.57
C PRO A 173 -17.08 14.88 23.68
N HIS A 174 -16.42 14.78 24.83
CA HIS A 174 -15.10 15.38 25.05
C HIS A 174 -13.91 14.46 24.77
N ALA A 175 -14.16 13.33 24.10
CA ALA A 175 -13.07 12.44 23.66
C ALA A 175 -12.51 12.87 22.28
N LEU A 176 -11.19 12.71 22.14
CA LEU A 176 -10.47 12.95 20.89
C LEU A 176 -10.11 11.62 20.26
N VAL A 177 -10.26 11.52 18.94
CA VAL A 177 -9.77 10.33 18.20
C VAL A 177 -8.47 10.67 17.48
N VAL A 178 -7.48 9.80 17.61
CA VAL A 178 -6.15 9.94 16.96
C VAL A 178 -5.86 8.70 16.11
N CYS A 179 -5.37 8.91 14.90
N CYS A 179 -5.37 8.91 14.90
CA CYS A 179 -4.96 7.81 13.99
CA CYS A 179 -4.95 7.81 14.02
C CYS A 179 -3.49 7.97 13.57
C CYS A 179 -3.46 7.99 13.70
N GLY A 180 -2.71 6.90 13.69
CA GLY A 180 -1.30 6.89 13.28
C GLY A 180 -1.10 6.68 11.79
N THR A 181 -0.06 7.32 11.24
CA THR A 181 0.34 7.19 9.83
C THR A 181 1.88 7.30 9.67
N TYR A 182 2.47 6.60 8.72
CA TYR A 182 3.93 6.79 8.40
C TYR A 182 4.30 6.75 6.91
N SER A 183 3.28 6.73 6.08
CA SER A 183 3.42 6.64 4.64
C SER A 183 2.03 6.87 4.07
N ILE A 184 1.95 6.95 2.75
CA ILE A 184 0.64 6.90 2.09
C ILE A 184 0.10 5.43 2.19
N GLY A 185 -1.20 5.33 1.95
CA GLY A 185 -1.96 4.12 2.15
C GLY A 185 -2.82 4.16 3.41
N LYS A 186 -3.91 3.37 3.39
CA LYS A 186 -4.79 3.16 4.55
C LYS A 186 -5.57 4.44 4.94
N GLU A 187 -5.72 5.36 4.00
CA GLU A 187 -6.45 6.62 4.24
C GLU A 187 -7.91 6.38 4.63
N LYS A 188 -8.53 5.29 4.15
CA LYS A 188 -9.93 4.98 4.51
C LYS A 188 -10.14 4.91 6.02
N VAL A 189 -9.13 4.48 6.77
CA VAL A 189 -9.29 4.37 8.22
C VAL A 189 -9.69 5.72 8.84
N PHE A 190 -8.90 6.75 8.60
CA PHE A 190 -9.18 8.05 9.20
C PHE A 190 -10.30 8.80 8.51
N LEU A 191 -10.45 8.61 7.19
CA LEU A 191 -11.54 9.25 6.47
C LEU A 191 -12.93 8.72 6.92
N ALA A 192 -13.05 7.40 7.10
CA ALA A 192 -14.32 6.82 7.52
C ALA A 192 -14.71 7.18 8.95
N ILE A 193 -13.73 7.18 9.85
CA ILE A 193 -13.99 7.62 11.24
C ILE A 193 -14.42 9.10 11.26
N ALA A 194 -13.70 9.98 10.57
CA ALA A 194 -14.08 11.40 10.57
C ALA A 194 -15.51 11.64 10.01
N ASP A 195 -15.83 10.90 8.97
CA ASP A 195 -17.15 11.02 8.34
C ASP A 195 -18.29 10.64 9.32
N VAL A 196 -18.12 9.54 10.08
CA VAL A 196 -19.17 9.16 11.05
C VAL A 196 -19.33 10.18 12.18
N LEU A 197 -18.24 10.85 12.52
CA LEU A 197 -18.23 11.86 13.60
C LEU A 197 -18.55 13.29 13.11
N GLY A 198 -18.82 13.46 11.83
CA GLY A 198 -19.11 14.80 11.28
C GLY A 198 -18.01 15.83 11.44
N SER A 199 -16.77 15.35 11.26
CA SER A 199 -15.57 16.16 11.47
C SER A 199 -14.67 16.11 10.24
N LYS A 200 -13.87 17.16 10.05
CA LYS A 200 -12.68 17.09 9.20
C LYS A 200 -11.56 16.40 9.97
N VAL A 201 -10.57 15.91 9.23
CA VAL A 201 -9.38 15.30 9.79
C VAL A 201 -8.27 16.34 9.88
N GLY A 202 -7.78 16.60 11.08
CA GLY A 202 -6.67 17.54 11.32
C GLY A 202 -5.30 16.90 11.26
N MET A 203 -4.32 17.61 10.70
CA MET A 203 -2.97 17.07 10.49
C MET A 203 -1.94 18.18 10.27
N SER A 204 -0.65 17.80 10.36
CA SER A 204 0.48 18.68 9.98
C SER A 204 0.42 19.22 8.55
N GLN A 205 1.13 20.31 8.33
CA GLN A 205 1.29 20.85 6.97
C GLN A 205 1.91 19.84 6.01
N GLU A 206 2.91 19.10 6.47
CA GLU A 206 3.60 18.09 5.63
C GLU A 206 2.66 16.97 5.19
N LYS A 207 1.84 16.44 6.12
CA LYS A 207 0.89 15.38 5.77
C LYS A 207 -0.26 15.91 4.88
N TYR A 208 -0.72 17.15 5.15
CA TYR A 208 -1.72 17.79 4.28
C TYR A 208 -1.24 17.88 2.83
N LYS A 209 0.02 18.32 2.65
CA LYS A 209 0.66 18.38 1.33
C LYS A 209 0.59 17.03 0.61
N THR A 210 0.97 15.98 1.34
CA THR A 210 0.94 14.61 0.76
C THR A 210 -0.47 14.24 0.30
N LEU A 211 -1.46 14.44 1.17
CA LEU A 211 -2.83 14.11 0.80
C LEU A 211 -3.39 14.92 -0.39
N GLN A 212 -3.00 16.17 -0.50
CA GLN A 212 -3.37 17.00 -1.67
C GLN A 212 -2.83 16.49 -3.03
N CYS A 213 -1.83 15.61 -3.04
CA CYS A 213 -1.31 14.95 -4.28
C CYS A 213 -2.10 13.70 -4.77
N LEU A 214 -3.08 13.24 -4.01
CA LEU A 214 -3.68 11.90 -4.25
C LEU A 214 -4.99 11.82 -5.08
N ASN A 215 -5.45 12.92 -5.66
CA ASN A 215 -6.70 12.96 -6.45
C ASN A 215 -7.94 12.34 -5.77
N ILE A 216 -8.07 12.54 -4.45
CA ILE A 216 -9.22 12.05 -3.72
C ILE A 216 -10.34 13.06 -3.95
N PRO A 217 -11.51 12.59 -4.43
CA PRO A 217 -12.64 13.50 -4.67
C PRO A 217 -13.12 14.22 -3.42
N GLU A 218 -13.40 15.51 -3.60
CA GLU A 218 -13.88 16.40 -2.52
C GLU A 218 -12.92 16.53 -1.33
N ILE A 219 -11.61 16.35 -1.55
CA ILE A 219 -10.62 16.34 -0.46
C ILE A 219 -10.64 17.61 0.41
N ASN A 220 -10.90 18.78 -0.18
CA ASN A 220 -10.91 20.03 0.58
C ASN A 220 -12.03 20.06 1.64
N SER A 221 -13.11 19.31 1.37
CA SER A 221 -14.19 19.12 2.35
C SER A 221 -13.84 18.15 3.48
N LEU A 222 -12.75 17.39 3.36
CA LEU A 222 -12.46 16.29 4.31
C LEU A 222 -11.29 16.48 5.28
N ILE A 223 -10.30 17.32 4.94
CA ILE A 223 -9.07 17.47 5.71
C ILE A 223 -8.74 18.94 5.99
N THR A 224 -7.89 19.17 6.98
CA THR A 224 -7.53 20.53 7.40
C THR A 224 -6.21 20.57 8.18
N THR A 225 -5.57 21.73 8.16
CA THR A 225 -4.41 21.98 9.03
C THR A 225 -4.82 22.64 10.36
N ASP A 226 -6.10 22.97 10.51
CA ASP A 226 -6.57 23.62 11.76
C ASP A 226 -6.96 22.53 12.76
N MET A 227 -6.02 22.19 13.64
CA MET A 227 -6.20 21.07 14.58
C MET A 227 -7.33 21.35 15.56
N CYS A 228 -7.46 22.60 15.99
CA CYS A 228 -8.48 22.98 16.98
C CYS A 228 -9.91 22.76 16.48
N SER A 229 -10.13 22.86 15.17
CA SER A 229 -11.47 22.66 14.58
C SER A 229 -11.89 21.20 14.40
N SER A 230 -10.94 20.27 14.59
CA SER A 230 -11.12 18.86 14.23
C SER A 230 -11.15 17.97 15.48
N LEU A 231 -11.97 16.92 15.51
CA LEU A 231 -11.91 15.91 16.60
C LEU A 231 -11.38 14.54 16.15
N VAL A 232 -10.80 14.51 14.94
CA VAL A 232 -9.96 13.38 14.49
C VAL A 232 -8.62 13.96 14.07
N HIS A 233 -7.56 13.59 14.80
CA HIS A 233 -6.19 14.03 14.46
C HIS A 233 -5.31 12.90 13.93
N LEU A 234 -4.45 13.23 12.96
CA LEU A 234 -3.37 12.35 12.52
C LEU A 234 -2.04 12.70 13.15
N LEU A 235 -1.33 11.67 13.59
CA LEU A 235 0.02 11.81 14.11
C LEU A 235 0.94 10.75 13.50
N PRO A 236 2.25 11.01 13.48
CA PRO A 236 3.20 9.97 13.13
C PRO A 236 2.99 8.67 13.92
N MET A 237 3.16 7.55 13.26
CA MET A 237 2.95 6.22 13.88
C MET A 237 3.79 6.06 15.16
N MET A 238 5.01 6.58 15.12
CA MET A 238 5.90 6.58 16.28
C MET A 238 5.40 7.24 17.54
N GLN A 239 4.47 8.19 17.42
CA GLN A 239 3.87 8.86 18.57
C GLN A 239 2.63 8.13 19.16
N ILE A 240 2.21 7.02 18.55
CA ILE A 240 1.02 6.32 19.02
C ILE A 240 1.43 5.33 20.13
N ASN A 241 1.63 5.92 21.32
CA ASN A 241 2.01 5.20 22.55
C ASN A 241 1.57 6.08 23.72
N PHE A 242 1.53 5.54 24.94
CA PHE A 242 0.97 6.32 26.06
C PHE A 242 1.71 7.65 26.28
N LYS A 243 3.04 7.64 26.24
CA LYS A 243 3.87 8.86 26.36
C LYS A 243 3.51 9.91 25.30
N GLY A 244 3.51 9.49 24.04
CA GLY A 244 3.26 10.42 22.94
C GLY A 244 1.85 10.98 22.93
N LEU A 245 0.88 10.15 23.32
CA LEU A 245 -0.51 10.58 23.34
C LEU A 245 -0.82 11.50 24.53
N GLN A 246 -0.26 11.18 25.71
CA GLN A 246 -0.26 12.09 26.87
C GLN A 246 0.26 13.48 26.54
N SER A 247 1.38 13.52 25.84
CA SER A 247 1.97 14.76 25.39
C SER A 247 1.04 15.51 24.45
N HIS A 248 0.44 14.79 23.49
CA HIS A 248 -0.49 15.41 22.56
C HIS A 248 -1.73 16.04 23.25
N LEU A 249 -2.33 15.31 24.20
CA LEU A 249 -3.51 15.78 24.95
C LEU A 249 -3.23 17.09 25.73
N LYS A 250 -2.01 17.24 26.23
CA LYS A 250 -1.60 18.50 26.88
C LYS A 250 -1.72 19.70 25.94
N LYS A 251 -1.32 19.52 24.69
CA LYS A 251 -1.30 20.60 23.69
C LYS A 251 -2.68 21.11 23.28
N CYS A 252 -3.73 20.33 23.55
CA CYS A 252 -5.08 20.65 23.05
C CYS A 252 -5.87 21.64 23.92
N GLY A 253 -5.24 22.18 24.96
CA GLY A 253 -5.78 23.33 25.71
C GLY A 253 -7.02 23.04 26.54
N GLY A 254 -7.02 21.90 27.23
CA GLY A 254 -8.18 21.47 28.05
C GLY A 254 -9.49 21.30 27.27
N LYS A 255 -9.39 20.97 25.99
CA LYS A 255 -10.55 20.78 25.12
C LYS A 255 -11.07 19.33 25.22
N TYR A 256 -10.15 18.40 25.51
CA TYR A 256 -10.49 16.98 25.57
C TYR A 256 -10.02 16.37 26.87
N ASN A 257 -10.70 15.30 27.27
CA ASN A 257 -10.38 14.59 28.53
C ASN A 257 -10.20 13.07 28.38
N GLN A 258 -10.07 12.62 27.12
CA GLN A 258 -9.94 11.21 26.77
C GLN A 258 -9.38 11.13 25.35
N ILE A 259 -8.50 10.15 25.08
CA ILE A 259 -8.05 9.80 23.73
C ILE A 259 -8.36 8.34 23.42
N LEU A 260 -8.93 8.14 22.23
CA LEU A 260 -9.10 6.85 21.62
C LEU A 260 -8.21 6.89 20.37
N ALA A 261 -7.20 6.00 20.29
CA ALA A 261 -6.23 5.96 19.19
C ALA A 261 -6.24 4.61 18.43
N PHE A 262 -5.96 4.70 17.12
CA PHE A 262 -5.87 3.54 16.22
C PHE A 262 -4.48 3.47 15.60
N ARG A 263 -3.87 2.27 15.65
CA ARG A 263 -2.59 1.94 15.01
C ARG A 263 -2.90 0.92 13.92
N PRO A 264 -3.05 1.39 12.67
CA PRO A 264 -3.16 0.46 11.59
C PRO A 264 -1.81 -0.24 11.46
N THR A 265 -1.85 -1.56 11.51
CA THR A 265 -0.69 -2.39 11.30
C THR A 265 -0.98 -3.22 10.06
N GLY A 266 -0.02 -4.05 9.68
CA GLY A 266 -0.32 -5.20 8.86
C GLY A 266 -0.75 -6.36 9.76
N TRP A 267 -0.50 -7.56 9.28
CA TRP A 267 -0.65 -8.76 10.10
C TRP A 267 0.19 -8.67 11.38
N THR A 268 -0.36 -9.17 12.50
CA THR A 268 0.40 -9.44 13.73
C THR A 268 -0.03 -10.82 14.22
N HIS A 269 0.80 -11.47 15.03
CA HIS A 269 0.42 -12.79 15.61
C HIS A 269 -0.87 -12.83 16.44
N SER A 270 -1.37 -11.70 16.94
CA SER A 270 -2.75 -11.70 17.51
C SER A 270 -3.88 -12.04 16.48
N ASN A 271 -3.57 -12.04 15.17
CA ASN A 271 -4.48 -12.62 14.14
C ASN A 271 -4.69 -14.15 14.24
N LYS A 272 -3.73 -14.85 14.86
CA LYS A 272 -3.77 -16.32 15.01
C LYS A 272 -4.67 -16.79 16.17
N PHE A 273 -5.06 -15.88 17.06
CA PHE A 273 -5.93 -16.20 18.20
C PHE A 273 -7.27 -15.46 18.20
N THR A 274 -7.25 -14.17 17.87
CA THR A 274 -8.38 -13.27 18.08
C THR A 274 -9.07 -12.89 16.76
N ARG A 275 -10.40 -12.94 16.76
CA ARG A 275 -11.25 -12.41 15.67
C ARG A 275 -11.42 -10.90 15.80
N ILE A 276 -11.58 -10.22 14.67
CA ILE A 276 -11.70 -8.74 14.64
C ILE A 276 -12.76 -8.22 15.62
N ALA A 277 -13.92 -8.89 15.68
CA ALA A 277 -15.00 -8.54 16.62
C ALA A 277 -14.57 -8.58 18.09
N ASP A 278 -13.62 -9.47 18.43
CA ASP A 278 -13.16 -9.69 19.79
C ASP A 278 -11.96 -8.80 20.20
N VAL A 279 -11.49 -7.93 19.31
CA VAL A 279 -10.28 -7.13 19.57
C VAL A 279 -10.49 -6.09 20.69
N ILE A 280 -9.53 -6.03 21.61
CA ILE A 280 -9.57 -5.11 22.74
C ILE A 280 -8.33 -4.21 22.73
N PRO A 281 -8.44 -3.02 23.33
CA PRO A 281 -7.33 -2.11 23.34
C PRO A 281 -6.36 -2.31 24.51
N GLN A 282 -5.21 -1.65 24.41
CA GLN A 282 -4.32 -1.36 25.54
C GLN A 282 -4.78 -0.07 26.19
N THR A 283 -4.92 -0.06 27.51
CA THR A 283 -5.48 1.10 28.22
C THR A 283 -4.59 1.53 29.40
N LYS A 284 -4.38 2.84 29.52
CA LYS A 284 -3.75 3.46 30.71
C LYS A 284 -4.50 4.75 31.01
N GLY A 285 -5.29 4.74 32.10
CA GLY A 285 -6.07 5.90 32.49
C GLY A 285 -7.07 6.29 31.43
N ASN A 286 -7.02 7.58 31.01
CA ASN A 286 -7.91 8.13 30.00
C ASN A 286 -7.42 7.96 28.53
N ILE A 287 -6.49 7.03 28.28
CA ILE A 287 -5.98 6.74 26.91
C ILE A 287 -6.15 5.26 26.58
N SER A 288 -6.73 4.97 25.41
CA SER A 288 -6.87 3.63 24.87
C SER A 288 -6.32 3.57 23.43
N ILE A 289 -5.60 2.49 23.11
CA ILE A 289 -4.97 2.26 21.80
C ILE A 289 -5.39 0.91 21.21
N TYR A 290 -6.02 0.94 20.03
CA TYR A 290 -6.42 -0.25 19.26
C TYR A 290 -5.44 -0.50 18.13
N GLY A 291 -4.87 -1.71 18.06
CA GLY A 291 -4.14 -2.17 16.86
C GLY A 291 -5.14 -2.85 15.94
N ILE A 292 -5.31 -2.34 14.72
CA ILE A 292 -6.27 -2.94 13.78
C ILE A 292 -5.56 -3.47 12.50
N PRO A 293 -5.89 -4.71 12.08
CA PRO A 293 -5.13 -5.36 10.97
C PRO A 293 -5.67 -4.97 9.59
N TYR A 294 -5.39 -3.74 9.18
CA TYR A 294 -5.80 -3.21 7.91
C TYR A 294 -4.65 -3.48 6.91
N SER A 295 -4.79 -4.51 6.07
CA SER A 295 -3.71 -4.86 5.14
C SER A 295 -3.93 -4.30 3.74
N GLU A 296 -2.84 -3.76 3.14
CA GLU A 296 -2.83 -3.46 1.69
C GLU A 296 -1.96 -4.45 0.88
N HIS A 297 -1.73 -5.67 1.44
CA HIS A 297 -1.11 -6.79 0.71
C HIS A 297 -2.07 -8.00 0.72
N SER A 298 -1.95 -8.86 -0.30
CA SER A 298 -2.74 -10.10 -0.36
C SER A 298 -2.57 -10.95 0.91
N SER A 299 -3.68 -11.51 1.41
CA SER A 299 -3.59 -12.67 2.31
C SER A 299 -3.06 -13.90 1.51
N TYR A 300 -2.63 -14.94 2.23
CA TYR A 300 -2.23 -16.18 1.55
C TYR A 300 -3.34 -16.69 0.60
N LEU A 301 -4.58 -16.76 1.10
CA LEU A 301 -5.72 -17.29 0.30
C LEU A 301 -6.02 -16.42 -0.95
N GLU A 302 -5.97 -15.09 -0.79
CA GLU A 302 -6.17 -14.17 -1.92
C GLU A 302 -5.09 -14.32 -3.01
N MET A 303 -3.84 -14.43 -2.57
CA MET A 303 -2.68 -14.65 -3.46
C MET A 303 -2.81 -15.97 -4.24
N LYS A 304 -3.13 -17.04 -3.49
CA LYS A 304 -3.32 -18.36 -4.10
C LYS A 304 -4.41 -18.35 -5.19
N ARG A 305 -5.55 -17.72 -4.88
CA ARG A 305 -6.65 -17.62 -5.83
C ARG A 305 -6.24 -16.90 -7.13
N PHE A 306 -5.60 -15.74 -6.97
CA PHE A 306 -5.11 -15.00 -8.13
C PHE A 306 -4.14 -15.79 -9.03
N VAL A 307 -3.16 -16.43 -8.41
CA VAL A 307 -2.15 -17.16 -9.15
C VAL A 307 -2.77 -18.39 -9.84
N GLN A 308 -3.67 -19.10 -9.15
CA GLN A 308 -4.34 -20.27 -9.77
C GLN A 308 -5.26 -19.90 -10.90
N TRP A 309 -5.85 -18.71 -10.85
CA TRP A 309 -6.61 -18.15 -11.99
C TRP A 309 -5.73 -17.75 -13.18
N LEU A 310 -4.64 -17.02 -12.91
CA LEU A 310 -3.74 -16.51 -13.94
C LEU A 310 -2.96 -17.62 -14.69
N LYS A 311 -2.56 -18.66 -13.94
CA LYS A 311 -1.83 -19.83 -14.49
C LYS A 311 -0.53 -19.41 -15.22
N PRO A 312 0.34 -18.66 -14.53
CA PRO A 312 1.61 -18.25 -15.14
C PRO A 312 2.55 -19.43 -15.39
N GLN A 313 3.37 -19.34 -16.44
CA GLN A 313 4.35 -20.41 -16.70
C GLN A 313 5.51 -20.44 -15.70
N LYS A 314 5.94 -19.27 -15.21
CA LYS A 314 7.01 -19.13 -14.25
C LYS A 314 6.64 -18.00 -13.27
N ILE A 315 6.95 -18.21 -11.98
CA ILE A 315 6.79 -17.19 -10.93
C ILE A 315 8.16 -16.80 -10.37
N ILE A 316 8.40 -15.48 -10.28
CA ILE A 316 9.59 -14.91 -9.66
C ILE A 316 9.12 -14.09 -8.43
N PRO A 317 9.38 -14.59 -7.21
CA PRO A 317 9.02 -13.76 -6.03
C PRO A 317 9.86 -12.50 -5.93
N THR A 318 9.24 -11.44 -5.41
CA THR A 318 9.96 -10.16 -5.16
C THR A 318 10.08 -9.75 -3.67
N VAL A 319 9.50 -10.53 -2.77
CA VAL A 319 9.54 -10.30 -1.31
C VAL A 319 9.91 -11.59 -0.57
N ASN A 320 10.66 -11.46 0.51
CA ASN A 320 11.16 -12.60 1.30
C ASN A 320 12.18 -13.47 0.52
N VAL A 321 12.93 -12.86 -0.38
CA VAL A 321 13.89 -13.62 -1.18
C VAL A 321 15.27 -13.75 -0.53
N GLY A 322 15.46 -13.15 0.63
CA GLY A 322 16.78 -13.06 1.24
C GLY A 322 17.31 -14.28 2.01
N THR A 323 16.46 -15.26 2.31
CA THR A 323 16.86 -16.47 3.05
C THR A 323 16.52 -17.74 2.26
N TRP A 324 17.36 -18.77 2.40
CA TRP A 324 17.11 -20.02 1.70
C TRP A 324 15.82 -20.67 2.19
N LYS A 325 15.55 -20.58 3.49
CA LYS A 325 14.33 -21.18 4.04
C LYS A 325 13.06 -20.54 3.47
N SER A 326 13.03 -19.21 3.40
CA SER A 326 11.91 -18.46 2.79
C SER A 326 11.68 -18.78 1.34
N ARG A 327 12.78 -18.79 0.59
CA ARG A 327 12.71 -19.12 -0.84
C ARG A 327 12.18 -20.55 -1.03
N SER A 328 12.70 -21.52 -0.27
CA SER A 328 12.22 -22.92 -0.36
C SER A 328 10.76 -23.08 -0.02
N THR A 329 10.33 -22.41 1.05
CA THR A 329 8.91 -22.42 1.47
C THR A 329 7.98 -21.91 0.33
N MET A 330 8.33 -20.77 -0.25
CA MET A 330 7.51 -20.20 -1.34
C MET A 330 7.45 -21.11 -2.57
N GLU A 331 8.60 -21.65 -2.98
N GLU A 331 8.58 -21.65 -3.00
CA GLU A 331 8.66 -22.58 -4.12
CA GLU A 331 8.58 -22.57 -4.16
C GLU A 331 7.77 -23.81 -3.92
C GLU A 331 7.71 -23.81 -3.91
N LYS A 332 7.71 -24.33 -2.69
CA LYS A 332 6.81 -25.46 -2.34
C LYS A 332 5.34 -25.12 -2.51
N TYR A 333 4.93 -23.94 -2.07
CA TYR A 333 3.55 -23.52 -2.25
C TYR A 333 3.24 -23.33 -3.73
N PHE A 334 4.17 -22.78 -4.50
CA PHE A 334 3.87 -22.56 -5.93
C PHE A 334 3.62 -23.92 -6.62
N ARG A 335 4.41 -24.93 -6.24
CA ARG A 335 4.22 -26.28 -6.80
C ARG A 335 2.90 -26.91 -6.35
N GLU A 336 2.53 -26.76 -5.07
N GLU A 336 2.54 -26.73 -5.08
CA GLU A 336 1.23 -27.25 -4.63
CA GLU A 336 1.26 -27.22 -4.56
C GLU A 336 0.11 -26.63 -5.47
C GLU A 336 0.05 -26.59 -5.27
N TRP A 337 0.16 -25.31 -5.63
CA TRP A 337 -0.92 -24.59 -6.32
C TRP A 337 -1.07 -25.07 -7.76
N LYS A 338 0.07 -25.30 -8.41
CA LYS A 338 0.11 -25.78 -9.80
C LYS A 338 -0.45 -27.21 -9.92
N LEU A 339 -0.05 -28.11 -9.02
CA LEU A 339 -0.58 -29.50 -9.04
C LEU A 339 -2.09 -29.57 -8.75
N GLU A 340 -2.55 -28.77 -7.77
CA GLU A 340 -3.97 -28.71 -7.44
C GLU A 340 -4.83 -28.22 -8.61
N ALA A 341 -4.38 -27.16 -9.28
CA ALA A 341 -5.15 -26.53 -10.38
C ALA A 341 -4.89 -27.14 -11.76
N GLY A 342 -3.78 -27.84 -11.95
CA GLY A 342 -3.51 -28.60 -13.20
C GLY A 342 -2.82 -27.88 -14.35
N TYR A 343 -2.26 -26.71 -14.11
CA TYR A 343 -1.48 -25.98 -15.14
C TYR A 343 -0.03 -26.42 -15.16
C1 MLI B . 5.73 -0.91 2.29
C2 MLI B . 4.54 -1.83 2.15
C3 MLI B . 6.64 -0.93 1.08
O6 MLI B . 4.23 -2.62 3.03
O7 MLI B . 3.86 -1.74 1.13
O8 MLI B . 7.89 -0.98 1.27
O9 MLI B . 6.14 -0.81 -0.05
NI NI C . 4.18 -0.79 -0.70
N1 AXS D . 8.17 -16.80 8.55
C4 AXS D . 7.24 -17.30 3.97
C5 AXS D . 7.90 -17.66 5.14
C6 AXS D . 8.28 -16.70 6.07
C7 AXS D . 8.97 -17.09 7.36
C8 AXS D . 6.77 -17.24 8.57
C10 AXS D . 6.34 -16.47 11.02
C1 AXS D . 7.95 -15.37 5.82
C2 AXS D . 7.29 -15.01 4.67
C3 AXS D . 6.95 -15.98 3.77
C9 AXS D . 6.22 -17.53 9.96
C11 AXS D . 5.06 -15.70 10.93
C12 AXS D . 4.10 -16.61 10.26
O1 AXS D . 4.83 -17.77 9.85
F1 AXS D . 6.31 -15.60 2.63
#